data_1CZC
#
_entry.id   1CZC
#
_cell.length_a   156.350
_cell.length_b   85.020
_cell.length_c   78.270
_cell.angle_alpha   90.00
_cell.angle_beta   90.00
_cell.angle_gamma   90.00
#
_symmetry.space_group_name_H-M   'C 2 2 21'
#
loop_
_entity.id
_entity.type
_entity.pdbx_description
1 polymer 'PROTEIN (ASPARTATE AMINOTRANSFERASE)'
2 non-polymer "PYRIDOXAL-5'-PHOSPHATE"
3 non-polymer 'GLUTARIC ACID'
4 water water
#
_entity_poly.entity_id   1
_entity_poly.type   'polypeptide(L)'
_entity_poly.pdbx_seq_one_letter_code
;MFENITTAPADPILGLADLLRADERPGKIDLGMGVYNDETGKTPVLTSVKKAEQYLLENETTKNYLGIDGIPEFGRCTQE
LLFGKGSALINDKRARTAQTPGGTGALRVAADFLAKNTSVRRVWVSNPSWPNHKSVFNSAGLEVREYAYYDAENHTLDFD
ALINSLNEAQAGDVVLFHGCCHNPTGIDPTLEQWQTLAQLSVEKGWLPLFDFAYQGFARGLEEDAEGLRAFAAMHKELIV
ASSYSKNFGLYNERVGTCTLVAADSETVDRAFSQMKAAIRVNYSSPPAHGASVVATILGNDALRAIWEQELTDMRQRIQR
MRQLFVNTLQEKGANRDFSFTIKQNGMFFFGGLTKEQVLRLREEFGVYAVASGRLNVAGMTPDNLAPLCEAIVAVL
;
_entity_poly.pdbx_strand_id   A
#
# COMPACT_ATOMS: atom_id res chain seq x y z
N MET A 1 -20.98 30.32 10.15
CA MET A 1 -20.05 29.19 10.51
C MET A 1 -18.76 29.10 9.71
N PHE A 2 -18.93 29.07 8.39
CA PHE A 2 -17.86 28.93 7.42
C PHE A 2 -17.12 30.19 6.99
N GLU A 3 -17.30 31.30 7.71
CA GLU A 3 -16.64 32.56 7.35
C GLU A 3 -15.14 32.62 7.60
N ASN A 4 -14.69 31.98 8.67
CA ASN A 4 -13.28 32.02 9.03
C ASN A 4 -12.50 30.77 8.62
N ILE A 5 -13.17 29.80 8.01
CA ILE A 5 -12.53 28.56 7.59
C ILE A 5 -11.36 28.79 6.65
N THR A 6 -10.25 28.10 6.92
CA THR A 6 -9.06 28.23 6.10
C THR A 6 -9.07 27.18 4.99
N THR A 7 -8.40 27.50 3.89
CA THR A 7 -8.30 26.58 2.78
C THR A 7 -7.31 25.50 3.21
N ALA A 8 -7.73 24.24 3.09
CA ALA A 8 -6.87 23.13 3.43
C ALA A 8 -5.80 22.98 2.35
N PRO A 9 -4.56 22.67 2.75
CA PRO A 9 -3.47 22.51 1.79
C PRO A 9 -3.71 21.26 0.94
N ALA A 10 -3.42 21.35 -0.35
CA ALA A 10 -3.61 20.23 -1.26
C ALA A 10 -2.79 19.03 -0.86
N ASP A 11 -3.32 17.84 -1.15
CA ASP A 11 -2.64 16.59 -0.82
C ASP A 11 -1.38 16.51 -1.67
N PRO A 12 -0.28 16.09 -1.06
CA PRO A 12 1.02 15.95 -1.73
C PRO A 12 1.05 14.96 -2.91
N ILE A 13 0.15 13.99 -2.88
CA ILE A 13 0.08 12.99 -3.96
C ILE A 13 -1.12 13.25 -4.86
N LEU A 14 -2.30 13.31 -4.26
CA LEU A 14 -3.55 13.54 -4.97
C LEU A 14 -3.63 14.94 -5.61
N GLY A 15 -2.87 15.88 -5.06
CA GLY A 15 -2.86 17.23 -5.60
C GLY A 15 -2.32 17.29 -7.01
N LEU A 16 -1.56 16.28 -7.40
CA LEU A 16 -0.98 16.23 -8.74
C LEU A 16 -2.04 16.12 -9.83
N ALA A 17 -3.16 15.46 -9.50
CA ALA A 17 -4.26 15.30 -10.45
C ALA A 17 -4.87 16.63 -10.85
N ASP A 18 -5.01 17.52 -9.89
CA ASP A 18 -5.58 18.83 -10.15
C ASP A 18 -4.63 19.60 -11.05
N LEU A 19 -3.37 19.68 -10.64
CA LEU A 19 -2.32 20.38 -11.40
C LEU A 19 -2.29 19.95 -12.87
N LEU A 20 -2.30 18.64 -13.09
CA LEU A 20 -2.27 18.07 -14.43
C LEU A 20 -3.43 18.53 -15.30
N ARG A 21 -4.63 18.60 -14.73
CA ARG A 21 -5.80 19.00 -15.51
C ARG A 21 -5.73 20.45 -15.98
N ALA A 22 -4.97 21.28 -15.26
CA ALA A 22 -4.84 22.69 -15.62
C ALA A 22 -3.70 22.94 -16.59
N ASP A 23 -2.79 21.97 -16.70
CA ASP A 23 -1.65 22.10 -17.59
C ASP A 23 -2.03 21.54 -18.95
N GLU A 24 -2.18 22.43 -19.94
CA GLU A 24 -2.58 22.00 -21.28
C GLU A 24 -1.48 21.61 -22.25
N ARG A 25 -0.24 21.57 -21.78
CA ARG A 25 0.87 21.17 -22.63
C ARG A 25 0.69 19.70 -22.98
N PRO A 26 0.66 19.39 -24.27
CA PRO A 26 0.48 18.02 -24.75
C PRO A 26 1.37 16.92 -24.17
N GLY A 27 2.69 17.10 -24.23
CA GLY A 27 3.61 16.08 -23.76
C GLY A 27 3.80 15.86 -22.26
N LYS A 28 2.73 16.00 -21.49
CA LYS A 28 2.81 15.82 -20.04
C LYS A 28 3.06 14.36 -19.66
N ILE A 29 4.00 14.15 -18.75
CA ILE A 29 4.33 12.81 -18.30
C ILE A 29 3.94 12.70 -16.82
N ASP A 30 2.93 11.89 -16.56
CA ASP A 30 2.40 11.67 -15.22
C ASP A 30 3.09 10.49 -14.55
N LEU A 31 3.92 10.79 -13.55
CA LEU A 31 4.64 9.79 -12.79
C LEU A 31 4.37 10.01 -11.31
N GLY A 32 3.19 10.54 -10.99
CA GLY A 32 2.84 10.83 -9.62
C GLY A 32 2.20 9.71 -8.83
N MET A 33 0.87 9.63 -8.87
CA MET A 33 0.12 8.59 -8.17
C MET A 33 0.56 7.19 -8.58
N GLY A 34 0.63 6.30 -7.59
CA GLY A 34 1.06 4.93 -7.83
C GLY A 34 0.04 3.96 -8.41
N VAL A 35 -0.33 4.20 -9.66
CA VAL A 35 -1.28 3.35 -10.37
C VAL A 35 -0.51 2.74 -11.54
N TYR A 36 -0.87 1.52 -11.91
CA TYR A 36 -0.21 0.85 -13.01
C TYR A 36 -0.65 1.37 -14.38
N ASN A 37 0.28 1.37 -15.34
CA ASN A 37 0.04 1.79 -16.72
C ASN A 37 0.58 0.69 -17.62
N ASP A 38 -0.11 0.41 -18.71
CA ASP A 38 0.39 -0.61 -19.64
C ASP A 38 1.28 0.11 -20.65
N GLU A 39 1.84 -0.64 -21.60
CA GLU A 39 2.72 -0.07 -22.62
C GLU A 39 2.20 1.16 -23.36
N THR A 40 0.89 1.40 -23.32
CA THR A 40 0.27 2.54 -24.00
C THR A 40 0.06 3.74 -23.08
N GLY A 41 0.37 3.58 -21.81
CA GLY A 41 0.17 4.67 -20.87
C GLY A 41 -1.28 4.80 -20.45
N LYS A 42 -1.95 3.67 -20.31
CA LYS A 42 -3.34 3.64 -19.88
C LYS A 42 -3.42 2.68 -18.71
N THR A 43 -4.31 2.97 -17.77
CA THR A 43 -4.50 2.10 -16.61
C THR A 43 -5.84 1.39 -16.91
N PRO A 44 -5.80 0.20 -17.52
CA PRO A 44 -6.99 -0.56 -17.88
C PRO A 44 -7.57 -1.48 -16.82
N VAL A 45 -8.81 -1.93 -17.04
CA VAL A 45 -9.44 -2.86 -16.12
C VAL A 45 -9.05 -4.26 -16.58
N LEU A 46 -8.50 -5.03 -15.66
CA LEU A 46 -8.05 -6.38 -15.94
C LEU A 46 -9.12 -7.23 -16.62
N THR A 47 -8.67 -8.14 -17.48
CA THR A 47 -9.57 -9.03 -18.18
C THR A 47 -10.29 -9.92 -17.18
N SER A 48 -9.58 -10.34 -16.14
CA SER A 48 -10.15 -11.19 -15.11
C SER A 48 -11.27 -10.44 -14.38
N VAL A 49 -11.09 -9.13 -14.19
CA VAL A 49 -12.08 -8.30 -13.53
C VAL A 49 -13.31 -8.11 -14.43
N LYS A 50 -13.08 -7.87 -15.71
CA LYS A 50 -14.19 -7.71 -16.64
C LYS A 50 -15.06 -8.95 -16.64
N LYS A 51 -14.41 -10.12 -16.71
CA LYS A 51 -15.15 -11.37 -16.72
C LYS A 51 -15.97 -11.56 -15.44
N ALA A 52 -15.38 -11.23 -14.29
CA ALA A 52 -16.07 -11.35 -13.01
C ALA A 52 -17.27 -10.42 -12.99
N GLU A 53 -17.12 -9.23 -13.56
CA GLU A 53 -18.22 -8.26 -13.61
C GLU A 53 -19.37 -8.81 -14.47
N GLN A 54 -19.02 -9.54 -15.53
CA GLN A 54 -19.99 -10.14 -16.43
C GLN A 54 -20.81 -11.14 -15.61
N TYR A 55 -20.09 -11.97 -14.88
CA TYR A 55 -20.71 -12.97 -14.03
C TYR A 55 -21.67 -12.29 -13.07
N LEU A 56 -21.20 -11.26 -12.37
CA LEU A 56 -22.03 -10.53 -11.41
C LEU A 56 -23.29 -10.00 -12.06
N LEU A 57 -23.14 -9.38 -13.23
CA LEU A 57 -24.26 -8.81 -13.97
C LEU A 57 -25.34 -9.86 -14.18
N GLU A 58 -24.93 -11.02 -14.66
CA GLU A 58 -25.85 -12.10 -14.96
C GLU A 58 -26.44 -12.82 -13.75
N ASN A 59 -25.64 -13.01 -12.70
CA ASN A 59 -26.13 -13.75 -11.54
C ASN A 59 -26.46 -13.00 -10.26
N GLU A 60 -26.38 -11.67 -10.28
CA GLU A 60 -26.68 -10.89 -9.11
C GLU A 60 -28.18 -10.68 -9.07
N THR A 61 -28.84 -11.01 -7.96
CA THR A 61 -30.29 -10.85 -7.85
C THR A 61 -30.77 -9.72 -6.96
N THR A 62 -29.93 -9.28 -6.03
CA THR A 62 -30.30 -8.21 -5.12
C THR A 62 -29.09 -7.33 -4.79
N LYS A 63 -29.36 -6.17 -4.21
CA LYS A 63 -28.30 -5.26 -3.80
C LYS A 63 -28.54 -4.87 -2.36
N ASN A 64 -29.19 -5.77 -1.63
CA ASN A 64 -29.50 -5.57 -0.23
C ASN A 64 -28.21 -5.45 0.59
N TYR A 65 -28.28 -4.73 1.71
CA TYR A 65 -27.14 -4.52 2.60
C TYR A 65 -26.30 -5.77 2.82
N LEU A 66 -25.00 -5.56 2.98
CA LEU A 66 -24.00 -6.62 3.14
C LEU A 66 -23.67 -7.11 4.55
N GLY A 67 -23.95 -6.32 5.57
CA GLY A 67 -23.56 -6.76 6.89
C GLY A 67 -22.33 -5.93 7.20
N ILE A 68 -22.24 -5.39 8.40
CA ILE A 68 -21.14 -4.52 8.81
C ILE A 68 -19.73 -4.92 8.37
N ASP A 69 -19.42 -6.21 8.46
CA ASP A 69 -18.09 -6.70 8.07
C ASP A 69 -17.96 -7.10 6.60
N GLY A 70 -19.07 -7.02 5.87
CA GLY A 70 -19.08 -7.33 4.45
C GLY A 70 -19.32 -8.76 4.00
N ILE A 71 -18.80 -9.05 2.81
CA ILE A 71 -18.91 -10.36 2.17
C ILE A 71 -18.02 -11.35 2.88
N PRO A 72 -18.62 -12.35 3.55
CA PRO A 72 -17.94 -13.40 4.31
C PRO A 72 -16.89 -14.17 3.50
N GLU A 73 -17.26 -14.59 2.29
CA GLU A 73 -16.36 -15.34 1.40
C GLU A 73 -15.10 -14.55 1.09
N PHE A 74 -15.26 -13.24 0.94
CA PHE A 74 -14.17 -12.32 0.66
C PHE A 74 -13.18 -12.28 1.84
N GLY A 75 -13.69 -12.22 3.06
CA GLY A 75 -12.82 -12.20 4.23
C GLY A 75 -12.01 -13.49 4.32
N ARG A 76 -12.66 -14.61 4.08
CA ARG A 76 -12.01 -15.91 4.11
C ARG A 76 -10.86 -15.97 3.11
N CYS A 77 -11.11 -15.51 1.89
CA CYS A 77 -10.12 -15.51 0.84
C CYS A 77 -8.92 -14.60 1.14
N THR A 78 -9.18 -13.42 1.71
CA THR A 78 -8.08 -12.49 2.01
C THR A 78 -7.17 -13.06 3.10
N GLN A 79 -7.77 -13.75 4.07
CA GLN A 79 -7.01 -14.38 5.16
C GLN A 79 -6.01 -15.40 4.64
N GLU A 80 -6.40 -16.17 3.63
CA GLU A 80 -5.51 -17.16 3.05
C GLU A 80 -4.39 -16.53 2.26
N LEU A 81 -4.65 -15.37 1.66
CA LEU A 81 -3.62 -14.71 0.89
C LEU A 81 -2.55 -14.20 1.84
N LEU A 82 -3.00 -13.67 2.96
CA LEU A 82 -2.11 -13.11 3.97
C LEU A 82 -1.42 -14.12 4.87
N PHE A 83 -2.21 -14.98 5.49
CA PHE A 83 -1.67 -15.96 6.42
C PHE A 83 -1.32 -17.32 5.82
N GLY A 84 -1.94 -17.69 4.71
CA GLY A 84 -1.64 -18.97 4.10
C GLY A 84 -2.71 -20.02 4.36
N LYS A 85 -2.85 -20.94 3.40
CA LYS A 85 -3.84 -22.02 3.45
C LYS A 85 -4.02 -22.68 4.82
N GLY A 86 -2.99 -23.36 5.32
CA GLY A 86 -3.13 -24.01 6.61
C GLY A 86 -2.57 -23.20 7.76
N SER A 87 -2.87 -21.90 7.79
CA SER A 87 -2.36 -21.07 8.86
C SER A 87 -3.00 -21.45 10.16
N ALA A 88 -2.21 -21.39 11.23
CA ALA A 88 -2.72 -21.71 12.55
C ALA A 88 -3.74 -20.65 12.97
N LEU A 89 -3.54 -19.41 12.53
CA LEU A 89 -4.44 -18.31 12.86
C LEU A 89 -5.84 -18.60 12.36
N ILE A 90 -5.92 -19.07 11.12
CA ILE A 90 -7.19 -19.39 10.50
C ILE A 90 -7.82 -20.58 11.21
N ASN A 91 -7.04 -21.64 11.39
CA ASN A 91 -7.54 -22.85 12.02
C ASN A 91 -7.90 -22.74 13.51
N ASP A 92 -7.22 -21.85 14.24
CA ASP A 92 -7.54 -21.65 15.64
C ASP A 92 -8.61 -20.58 15.77
N LYS A 93 -9.07 -20.06 14.65
CA LYS A 93 -10.12 -19.04 14.59
C LYS A 93 -9.79 -17.79 15.39
N ARG A 94 -8.53 -17.40 15.31
CA ARG A 94 -8.01 -16.22 16.01
C ARG A 94 -8.11 -14.93 15.19
N ALA A 95 -8.52 -15.05 13.92
CA ALA A 95 -8.62 -13.89 13.04
C ALA A 95 -10.03 -13.59 12.58
N ARG A 96 -10.32 -12.30 12.47
CA ARG A 96 -11.61 -11.77 12.02
C ARG A 96 -11.27 -10.64 11.05
N THR A 97 -11.89 -10.67 9.87
CA THR A 97 -11.63 -9.67 8.85
C THR A 97 -12.88 -8.87 8.51
N ALA A 98 -12.71 -7.58 8.25
CA ALA A 98 -13.81 -6.71 7.88
C ALA A 98 -13.48 -6.11 6.53
N GLN A 99 -14.42 -6.19 5.60
CA GLN A 99 -14.27 -5.62 4.27
C GLN A 99 -14.40 -4.10 4.49
N THR A 100 -13.47 -3.32 3.95
CA THR A 100 -13.49 -1.87 4.13
C THR A 100 -13.39 -1.12 2.80
N PRO A 101 -13.60 0.21 2.80
CA PRO A 101 -13.50 0.98 1.55
C PRO A 101 -12.04 1.29 1.24
N GLY A 102 -11.38 0.36 0.54
CA GLY A 102 -9.98 0.56 0.19
C GLY A 102 -9.04 0.37 1.39
N GLY A 103 -7.74 0.41 1.13
CA GLY A 103 -6.78 0.26 2.20
C GLY A 103 -6.77 1.44 3.16
N THR A 104 -7.22 2.61 2.71
CA THR A 104 -7.27 3.78 3.57
C THR A 104 -8.38 3.59 4.59
N GLY A 105 -9.53 3.12 4.12
CA GLY A 105 -10.65 2.88 5.02
C GLY A 105 -10.26 1.93 6.13
N ALA A 106 -9.50 0.90 5.77
CA ALA A 106 -9.01 -0.08 6.76
C ALA A 106 -8.15 0.59 7.82
N LEU A 107 -7.25 1.48 7.42
CA LEU A 107 -6.38 2.19 8.37
C LEU A 107 -7.20 3.10 9.28
N ARG A 108 -8.21 3.73 8.70
CA ARG A 108 -9.09 4.60 9.47
C ARG A 108 -9.86 3.80 10.54
N VAL A 109 -10.45 2.67 10.16
CA VAL A 109 -11.22 1.89 11.14
C VAL A 109 -10.34 1.33 12.27
N ALA A 110 -9.14 0.85 11.92
CA ALA A 110 -8.22 0.32 12.90
C ALA A 110 -7.83 1.44 13.86
N ALA A 111 -7.65 2.64 13.32
CA ALA A 111 -7.29 3.80 14.12
C ALA A 111 -8.40 4.19 15.09
N ASP A 112 -9.64 4.21 14.61
CA ASP A 112 -10.78 4.53 15.46
C ASP A 112 -10.94 3.43 16.49
N PHE A 113 -10.74 2.19 16.06
CA PHE A 113 -10.84 1.06 16.96
C PHE A 113 -9.83 1.23 18.08
N LEU A 114 -8.57 1.42 17.71
CA LEU A 114 -7.49 1.60 18.67
C LEU A 114 -7.73 2.76 19.62
N ALA A 115 -7.95 3.93 19.06
CA ALA A 115 -8.18 5.15 19.83
C ALA A 115 -9.20 5.04 20.95
N LYS A 116 -10.32 4.37 20.68
CA LYS A 116 -11.40 4.25 21.67
C LYS A 116 -11.51 2.99 22.50
N ASN A 117 -10.85 1.91 22.09
CA ASN A 117 -10.96 0.65 22.83
C ASN A 117 -9.70 0.16 23.50
N THR A 118 -8.58 0.84 23.28
CA THR A 118 -7.31 0.42 23.89
C THR A 118 -6.61 1.62 24.51
N SER A 119 -5.50 1.38 25.19
CA SER A 119 -4.76 2.47 25.81
C SER A 119 -3.70 3.06 24.86
N VAL A 120 -3.80 2.70 23.58
CA VAL A 120 -2.86 3.18 22.58
C VAL A 120 -2.93 4.70 22.45
N ARG A 121 -1.76 5.32 22.59
CA ARG A 121 -1.65 6.76 22.48
C ARG A 121 -0.79 7.17 21.29
N ARG A 122 0.11 6.30 20.87
CA ARG A 122 0.96 6.63 19.72
C ARG A 122 1.30 5.50 18.76
N VAL A 123 1.55 5.91 17.53
CA VAL A 123 1.88 5.00 16.43
C VAL A 123 3.24 5.42 15.87
N TRP A 124 4.09 4.44 15.58
CA TRP A 124 5.41 4.68 15.02
C TRP A 124 5.36 4.42 13.52
N VAL A 125 5.69 5.45 12.75
CA VAL A 125 5.68 5.40 11.29
C VAL A 125 7.11 5.55 10.80
N SER A 126 7.48 4.83 9.74
CA SER A 126 8.83 4.90 9.20
C SER A 126 9.12 6.25 8.58
N ASN A 127 10.41 6.56 8.49
CA ASN A 127 10.84 7.80 7.88
C ASN A 127 11.71 7.46 6.69
N PRO A 128 11.20 7.72 5.47
CA PRO A 128 9.89 8.29 5.17
C PRO A 128 8.79 7.23 5.07
N SER A 129 7.60 7.67 4.70
CA SER A 129 6.44 6.79 4.56
C SER A 129 5.42 7.52 3.69
N TRP A 130 4.35 6.81 3.36
CA TRP A 130 3.24 7.37 2.59
C TRP A 130 2.75 8.53 3.44
N PRO A 131 2.56 9.71 2.84
CA PRO A 131 2.11 10.90 3.60
C PRO A 131 0.80 10.78 4.38
N ASN A 132 -0.18 10.07 3.83
CA ASN A 132 -1.48 9.95 4.47
C ASN A 132 -1.48 9.19 5.79
N HIS A 133 -0.41 8.46 6.09
CA HIS A 133 -0.32 7.70 7.36
C HIS A 133 -0.49 8.58 8.58
N LYS A 134 0.37 9.58 8.72
CA LYS A 134 0.33 10.52 9.83
C LYS A 134 -1.07 11.12 9.96
N SER A 135 -1.59 11.60 8.84
CA SER A 135 -2.90 12.22 8.79
C SER A 135 -4.01 11.31 9.32
N VAL A 136 -4.02 10.05 8.88
CA VAL A 136 -5.03 9.08 9.32
C VAL A 136 -4.97 8.88 10.83
N PHE A 137 -3.78 8.62 11.36
CA PHE A 137 -3.64 8.41 12.79
C PHE A 137 -3.87 9.66 13.64
N ASN A 138 -3.40 10.81 13.17
CA ASN A 138 -3.61 12.06 13.92
C ASN A 138 -5.07 12.45 13.99
N SER A 139 -5.81 12.25 12.92
CA SER A 139 -7.23 12.61 12.90
C SER A 139 -8.01 11.72 13.86
N ALA A 140 -7.49 10.52 14.12
CA ALA A 140 -8.11 9.57 15.04
C ALA A 140 -7.79 9.98 16.48
N GLY A 141 -6.83 10.88 16.62
CA GLY A 141 -6.43 11.35 17.93
C GLY A 141 -5.14 10.73 18.42
N LEU A 142 -4.52 9.88 17.62
CA LEU A 142 -3.28 9.24 18.03
C LEU A 142 -2.05 10.06 17.66
N GLU A 143 -1.05 10.02 18.54
CA GLU A 143 0.20 10.73 18.34
C GLU A 143 1.04 9.88 17.39
N VAL A 144 1.72 10.52 16.45
CA VAL A 144 2.55 9.80 15.50
C VAL A 144 4.03 10.15 15.66
N ARG A 145 4.84 9.13 15.92
CA ARG A 145 6.28 9.28 16.08
C ARG A 145 6.90 8.62 14.85
N GLU A 146 8.18 8.88 14.61
CA GLU A 146 8.85 8.29 13.45
C GLU A 146 10.12 7.58 13.84
N TYR A 147 10.41 6.51 13.10
CA TYR A 147 11.61 5.73 13.31
C TYR A 147 12.46 5.75 12.06
N ALA A 148 13.78 5.69 12.24
CA ALA A 148 14.71 5.70 11.13
C ALA A 148 14.46 4.49 10.25
N TYR A 149 14.70 4.64 8.95
CA TYR A 149 14.47 3.55 8.03
C TYR A 149 15.40 3.63 6.83
N TYR A 150 15.26 4.70 6.06
CA TYR A 150 16.05 4.88 4.86
C TYR A 150 17.43 5.48 5.12
N ASP A 151 18.36 5.20 4.22
CA ASP A 151 19.71 5.74 4.28
C ASP A 151 19.92 6.45 2.95
N ALA A 152 19.58 7.74 2.92
CA ALA A 152 19.71 8.54 1.70
C ALA A 152 21.05 8.44 1.00
N GLU A 153 22.10 8.29 1.80
CA GLU A 153 23.46 8.19 1.27
C GLU A 153 23.72 6.93 0.48
N ASN A 154 23.40 5.79 1.09
CA ASN A 154 23.64 4.51 0.46
C ASN A 154 22.42 3.92 -0.24
N HIS A 155 21.27 4.55 -0.06
CA HIS A 155 20.02 4.09 -0.67
C HIS A 155 19.64 2.70 -0.22
N THR A 156 19.83 2.41 1.06
CA THR A 156 19.51 1.11 1.59
C THR A 156 18.72 1.27 2.88
N LEU A 157 18.48 0.15 3.57
CA LEU A 157 17.77 0.14 4.82
C LEU A 157 18.80 0.29 5.93
N ASP A 158 18.72 1.36 6.71
CA ASP A 158 19.67 1.57 7.82
C ASP A 158 19.11 0.82 9.02
N PHE A 159 19.32 -0.49 9.00
CA PHE A 159 18.81 -1.37 10.05
C PHE A 159 19.21 -0.98 11.47
N ASP A 160 20.47 -0.56 11.65
CA ASP A 160 20.94 -0.17 12.96
C ASP A 160 20.18 1.05 13.48
N ALA A 161 19.98 2.03 12.62
CA ALA A 161 19.25 3.22 13.01
C ALA A 161 17.80 2.87 13.30
N LEU A 162 17.26 1.91 12.53
CA LEU A 162 15.88 1.47 12.70
C LEU A 162 15.71 0.95 14.11
N ILE A 163 16.49 -0.07 14.44
CA ILE A 163 16.44 -0.68 15.77
C ILE A 163 16.71 0.34 16.88
N ASN A 164 17.82 1.05 16.76
CA ASN A 164 18.19 2.05 17.76
C ASN A 164 17.09 3.07 18.03
N SER A 165 16.38 3.50 16.98
CA SER A 165 15.31 4.49 17.15
C SER A 165 14.03 3.87 17.70
N LEU A 166 13.79 2.61 17.37
CA LEU A 166 12.62 1.90 17.84
C LEU A 166 12.71 1.53 19.31
N ASN A 167 13.91 1.63 19.88
CA ASN A 167 14.09 1.32 21.30
C ASN A 167 13.40 2.35 22.16
N GLU A 168 12.95 3.43 21.53
CA GLU A 168 12.25 4.51 22.22
C GLU A 168 10.75 4.18 22.28
N ALA A 169 10.36 3.11 21.58
CA ALA A 169 8.97 2.70 21.56
C ALA A 169 8.68 1.89 22.83
N GLN A 170 7.73 2.37 23.63
CA GLN A 170 7.35 1.69 24.87
C GLN A 170 6.36 0.59 24.58
N ALA A 171 6.16 -0.30 25.54
CA ALA A 171 5.21 -1.40 25.39
C ALA A 171 3.82 -0.80 25.26
N GLY A 172 2.99 -1.39 24.39
CA GLY A 172 1.64 -0.87 24.21
C GLY A 172 1.56 0.14 23.08
N ASP A 173 2.69 0.35 22.41
CA ASP A 173 2.79 1.28 21.29
C ASP A 173 2.55 0.52 20.03
N VAL A 174 1.94 1.18 19.05
CA VAL A 174 1.68 0.56 17.77
C VAL A 174 2.88 0.84 16.89
N VAL A 175 3.33 -0.16 16.15
CA VAL A 175 4.43 0.05 15.22
C VAL A 175 3.89 -0.39 13.87
N LEU A 176 3.83 0.57 12.95
CA LEU A 176 3.33 0.36 11.60
C LEU A 176 4.44 -0.16 10.69
N PHE A 177 4.20 -1.28 10.01
CA PHE A 177 5.17 -1.85 9.11
C PHE A 177 4.50 -2.00 7.75
N HIS A 178 5.26 -1.76 6.67
CA HIS A 178 4.75 -1.93 5.32
C HIS A 178 5.07 -3.39 4.98
N GLY A 179 4.06 -4.15 4.58
CA GLY A 179 4.28 -5.55 4.25
C GLY A 179 5.38 -5.81 3.24
N CYS A 180 5.34 -5.05 2.15
CA CYS A 180 6.33 -5.15 1.08
C CYS A 180 6.23 -3.90 0.24
N CYS A 181 7.13 -3.76 -0.73
CA CYS A 181 7.18 -2.59 -1.61
C CYS A 181 7.01 -1.29 -0.83
N HIS A 182 7.85 -1.09 0.17
CA HIS A 182 7.82 0.10 1.02
C HIS A 182 7.59 1.39 0.21
N ASN A 183 6.50 2.09 0.52
CA ASN A 183 6.15 3.34 -0.14
C ASN A 183 6.82 4.40 0.75
N PRO A 184 7.71 5.23 0.18
CA PRO A 184 8.16 5.30 -1.21
C PRO A 184 9.55 4.72 -1.53
N THR A 185 10.30 4.28 -0.53
CA THR A 185 11.67 3.78 -0.76
C THR A 185 11.87 2.54 -1.64
N GLY A 186 10.93 1.61 -1.60
CA GLY A 186 11.06 0.39 -2.38
C GLY A 186 12.05 -0.56 -1.74
N ILE A 187 12.57 -0.21 -0.56
CA ILE A 187 13.51 -1.05 0.18
C ILE A 187 12.73 -1.75 1.29
N ASP A 188 12.82 -3.08 1.31
CA ASP A 188 12.14 -3.88 2.32
C ASP A 188 13.14 -4.69 3.12
N PRO A 189 12.76 -5.13 4.34
CA PRO A 189 13.67 -5.92 5.14
C PRO A 189 13.85 -7.30 4.53
N THR A 190 15.01 -7.89 4.80
CA THR A 190 15.30 -9.23 4.34
C THR A 190 14.51 -10.11 5.29
N LEU A 191 14.27 -11.35 4.89
CA LEU A 191 13.54 -12.29 5.74
C LEU A 191 14.22 -12.42 7.09
N GLU A 192 15.55 -12.39 7.07
CA GLU A 192 16.34 -12.48 8.29
C GLU A 192 16.01 -11.27 9.16
N GLN A 193 15.96 -10.09 8.55
CA GLN A 193 15.64 -8.88 9.29
C GLN A 193 14.21 -8.87 9.81
N TRP A 194 13.29 -9.48 9.07
CA TRP A 194 11.90 -9.55 9.48
C TRP A 194 11.76 -10.37 10.76
N GLN A 195 12.55 -11.44 10.85
CA GLN A 195 12.53 -12.31 12.01
C GLN A 195 13.10 -11.59 13.21
N THR A 196 14.12 -10.77 12.98
CA THR A 196 14.74 -9.99 14.06
C THR A 196 13.70 -8.99 14.59
N LEU A 197 13.06 -8.26 13.68
CA LEU A 197 12.03 -7.30 14.06
C LEU A 197 10.90 -8.02 14.80
N ALA A 198 10.57 -9.24 14.37
CA ALA A 198 9.52 -10.03 14.98
C ALA A 198 9.84 -10.39 16.44
N GLN A 199 11.08 -10.79 16.70
CA GLN A 199 11.49 -11.16 18.04
C GLN A 199 11.63 -9.95 18.91
N LEU A 200 12.13 -8.88 18.33
CA LEU A 200 12.30 -7.65 19.07
C LEU A 200 10.92 -7.14 19.46
N SER A 201 10.00 -7.15 18.51
CA SER A 201 8.63 -6.71 18.72
C SER A 201 7.97 -7.40 19.91
N VAL A 202 7.95 -8.73 19.91
CA VAL A 202 7.33 -9.47 21.01
C VAL A 202 7.98 -9.12 22.35
N GLU A 203 9.30 -9.05 22.35
CA GLU A 203 10.08 -8.74 23.55
C GLU A 203 9.81 -7.34 24.12
N LYS A 204 9.61 -6.37 23.24
CA LYS A 204 9.36 -4.99 23.65
C LYS A 204 7.89 -4.71 23.99
N GLY A 205 6.98 -5.51 23.45
CA GLY A 205 5.56 -5.34 23.70
C GLY A 205 4.84 -4.39 22.77
N TRP A 206 5.25 -4.37 21.50
CA TRP A 206 4.65 -3.52 20.49
C TRP A 206 3.43 -4.19 19.88
N LEU A 207 2.51 -3.39 19.37
CA LEU A 207 1.32 -3.89 18.70
C LEU A 207 1.57 -3.65 17.22
N PRO A 208 1.91 -4.71 16.49
CA PRO A 208 2.18 -4.59 15.05
C PRO A 208 0.93 -4.22 14.25
N LEU A 209 1.13 -3.38 13.25
CA LEU A 209 0.09 -2.94 12.36
C LEU A 209 0.71 -2.94 10.97
N PHE A 210 0.31 -3.90 10.15
CA PHE A 210 0.85 -4.01 8.81
C PHE A 210 -0.02 -3.34 7.77
N ASP A 211 0.62 -2.63 6.86
CA ASP A 211 -0.06 -1.97 5.76
C ASP A 211 0.36 -2.75 4.52
N PHE A 212 -0.58 -3.46 3.93
CA PHE A 212 -0.33 -4.25 2.73
C PHE A 212 -1.05 -3.65 1.52
N ALA A 213 -0.34 -2.91 0.69
CA ALA A 213 -0.97 -2.31 -0.46
C ALA A 213 -0.45 -2.82 -1.80
N TYR A 214 0.66 -3.56 -1.77
CA TYR A 214 1.28 -4.07 -3.00
C TYR A 214 1.64 -5.55 -3.01
N GLN A 215 0.89 -6.37 -2.27
CA GLN A 215 1.19 -7.80 -2.24
C GLN A 215 1.17 -8.35 -3.65
N GLY A 216 2.30 -8.91 -4.06
CA GLY A 216 2.43 -9.48 -5.40
C GLY A 216 3.32 -8.64 -6.30
N PHE A 217 3.69 -7.44 -5.88
CA PHE A 217 4.53 -6.55 -6.69
C PHE A 217 6.03 -6.64 -6.46
N ALA A 218 6.45 -7.31 -5.39
CA ALA A 218 7.87 -7.44 -5.11
C ALA A 218 8.42 -8.73 -5.73
N ARG A 219 7.89 -9.87 -5.29
CA ARG A 219 8.33 -11.16 -5.80
C ARG A 219 7.19 -12.10 -6.18
N GLY A 220 6.10 -12.05 -5.43
CA GLY A 220 4.95 -12.90 -5.70
C GLY A 220 4.03 -12.86 -4.50
N LEU A 221 2.81 -13.35 -4.63
CA LEU A 221 1.86 -13.32 -3.52
C LEU A 221 2.43 -13.84 -2.21
N GLU A 222 2.79 -15.13 -2.19
CA GLU A 222 3.32 -15.77 -1.00
C GLU A 222 4.64 -15.19 -0.50
N GLU A 223 5.58 -14.99 -1.41
CA GLU A 223 6.90 -14.43 -1.06
C GLU A 223 6.75 -13.09 -0.36
N ASP A 224 5.81 -12.28 -0.81
CA ASP A 224 5.57 -10.96 -0.25
C ASP A 224 4.91 -10.99 1.12
N ALA A 225 4.35 -12.13 1.50
CA ALA A 225 3.70 -12.25 2.81
C ALA A 225 4.62 -12.77 3.90
N GLU A 226 5.83 -13.23 3.53
CA GLU A 226 6.80 -13.76 4.48
C GLU A 226 7.04 -12.92 5.73
N GLY A 227 7.11 -11.61 5.57
CA GLY A 227 7.34 -10.72 6.70
C GLY A 227 6.21 -10.77 7.71
N LEU A 228 4.98 -10.62 7.23
CA LEU A 228 3.82 -10.67 8.10
C LEU A 228 3.75 -12.03 8.78
N ARG A 229 3.87 -13.09 7.99
CA ARG A 229 3.82 -14.45 8.50
C ARG A 229 4.86 -14.75 9.58
N ALA A 230 6.04 -14.14 9.49
CA ALA A 230 7.07 -14.33 10.50
C ALA A 230 6.61 -13.69 11.80
N PHE A 231 5.84 -12.61 11.67
CA PHE A 231 5.29 -11.88 12.81
C PHE A 231 4.09 -12.62 13.38
N ALA A 232 3.30 -13.22 12.50
CA ALA A 232 2.11 -13.95 12.90
C ALA A 232 2.41 -15.18 13.76
N ALA A 233 3.48 -15.89 13.42
CA ALA A 233 3.85 -17.09 14.16
C ALA A 233 4.30 -16.86 15.61
N MET A 234 4.66 -15.64 15.96
CA MET A 234 5.14 -15.32 17.30
C MET A 234 4.25 -14.39 18.11
N HIS A 235 3.35 -13.69 17.43
CA HIS A 235 2.48 -12.73 18.09
C HIS A 235 1.08 -13.23 18.45
N LYS A 236 0.59 -12.74 19.57
CA LYS A 236 -0.75 -13.08 20.05
C LYS A 236 -1.73 -12.16 19.34
N GLU A 237 -1.41 -10.87 19.33
CA GLU A 237 -2.26 -9.87 18.71
C GLU A 237 -1.53 -9.05 17.67
N LEU A 238 -2.25 -8.72 16.59
CA LEU A 238 -1.73 -7.88 15.52
C LEU A 238 -2.87 -7.42 14.64
N ILE A 239 -2.63 -6.36 13.88
CA ILE A 239 -3.65 -5.83 13.01
C ILE A 239 -3.05 -5.72 11.63
N VAL A 240 -3.85 -6.02 10.60
CA VAL A 240 -3.33 -5.89 9.25
C VAL A 240 -4.40 -5.32 8.33
N ALA A 241 -4.01 -4.26 7.62
CA ALA A 241 -4.89 -3.57 6.69
C ALA A 241 -4.32 -3.85 5.31
N SER A 242 -5.15 -4.28 4.38
CA SER A 242 -4.64 -4.53 3.05
C SER A 242 -5.50 -3.82 2.01
N SER A 243 -4.97 -3.68 0.81
CA SER A 243 -5.70 -3.02 -0.26
C SER A 243 -5.67 -3.93 -1.47
N TYR A 244 -6.69 -3.80 -2.32
CA TYR A 244 -6.77 -4.58 -3.56
C TYR A 244 -6.85 -3.61 -4.73
N SER A 245 -6.60 -2.33 -4.44
CA SER A 245 -6.65 -1.30 -5.47
C SER A 245 -5.56 -1.55 -6.52
N LYS A 246 -4.34 -1.78 -6.06
CA LYS A 246 -3.23 -1.99 -6.99
C LYS A 246 -3.09 -3.37 -7.63
N ASN A 247 -3.05 -4.44 -6.83
CA ASN A 247 -2.90 -5.79 -7.37
C ASN A 247 -4.11 -6.35 -8.15
N PHE A 248 -5.24 -5.66 -8.08
CA PHE A 248 -6.43 -6.06 -8.83
C PHE A 248 -6.84 -4.93 -9.77
N GLY A 249 -6.18 -3.79 -9.65
CA GLY A 249 -6.48 -2.66 -10.50
C GLY A 249 -7.89 -2.16 -10.27
N LEU A 250 -8.34 -2.23 -9.03
CA LEU A 250 -9.70 -1.80 -8.68
C LEU A 250 -9.67 -0.54 -7.81
N TYR A 251 -8.82 0.39 -8.19
CA TYR A 251 -8.64 1.66 -7.47
C TYR A 251 -9.90 2.37 -6.99
N ASN A 252 -10.78 2.72 -7.92
CA ASN A 252 -12.01 3.47 -7.59
C ASN A 252 -13.17 2.67 -7.02
N GLU A 253 -13.01 1.35 -6.92
CA GLU A 253 -14.08 0.54 -6.37
C GLU A 253 -13.91 0.38 -4.86
N ARG A 254 -12.80 0.91 -4.35
CA ARG A 254 -12.48 0.91 -2.92
C ARG A 254 -12.60 -0.44 -2.24
N VAL A 255 -11.61 -1.29 -2.49
CA VAL A 255 -11.61 -2.65 -1.95
C VAL A 255 -10.39 -2.86 -1.07
N GLY A 256 -10.64 -3.28 0.17
CA GLY A 256 -9.57 -3.51 1.11
C GLY A 256 -10.13 -4.26 2.29
N THR A 257 -9.31 -4.53 3.30
CA THR A 257 -9.73 -5.26 4.48
C THR A 257 -8.93 -4.86 5.71
N CYS A 258 -9.54 -5.03 6.88
CA CYS A 258 -8.88 -4.77 8.16
C CYS A 258 -9.06 -6.07 8.93
N THR A 259 -7.94 -6.70 9.29
CA THR A 259 -7.97 -7.97 10.01
C THR A 259 -7.45 -7.82 11.44
N LEU A 260 -8.15 -8.44 12.37
CA LEU A 260 -7.80 -8.43 13.79
C LEU A 260 -7.36 -9.81 14.21
N VAL A 261 -6.27 -9.89 14.96
CA VAL A 261 -5.76 -11.17 15.44
C VAL A 261 -5.59 -11.06 16.95
N ALA A 262 -6.14 -12.00 17.69
CA ALA A 262 -6.02 -12.00 19.15
C ALA A 262 -5.53 -13.38 19.62
N ALA A 263 -5.29 -13.52 20.91
CA ALA A 263 -4.80 -14.78 21.48
C ALA A 263 -5.72 -15.95 21.14
N ASP A 264 -7.03 -15.72 21.17
CA ASP A 264 -8.01 -16.76 20.88
C ASP A 264 -9.27 -16.21 20.25
N SER A 265 -10.17 -17.12 19.88
CA SER A 265 -11.42 -16.76 19.24
C SER A 265 -12.36 -15.88 20.05
N GLU A 266 -12.49 -16.13 21.36
CA GLU A 266 -13.40 -15.31 22.16
C GLU A 266 -12.89 -13.87 22.31
N THR A 267 -11.59 -13.69 22.42
CA THR A 267 -11.01 -12.35 22.55
C THR A 267 -11.19 -11.61 21.24
N VAL A 268 -10.89 -12.28 20.12
CA VAL A 268 -11.02 -11.64 18.81
C VAL A 268 -12.46 -11.28 18.48
N ASP A 269 -13.40 -12.08 18.97
CA ASP A 269 -14.83 -11.82 18.75
C ASP A 269 -15.26 -10.62 19.59
N ARG A 270 -14.78 -10.56 20.81
CA ARG A 270 -15.14 -9.47 21.68
C ARG A 270 -14.57 -8.18 21.09
N ALA A 271 -13.33 -8.23 20.64
CA ALA A 271 -12.66 -7.07 20.06
C ALA A 271 -13.31 -6.68 18.74
N PHE A 272 -13.59 -7.67 17.91
CA PHE A 272 -14.20 -7.44 16.61
C PHE A 272 -15.58 -6.77 16.68
N SER A 273 -16.31 -6.98 17.78
CA SER A 273 -17.61 -6.36 17.93
C SER A 273 -17.46 -4.85 18.04
N GLN A 274 -16.35 -4.42 18.65
CA GLN A 274 -16.07 -2.99 18.79
C GLN A 274 -15.63 -2.38 17.46
N MET A 275 -14.95 -3.18 16.64
CA MET A 275 -14.50 -2.72 15.33
C MET A 275 -15.75 -2.51 14.46
N LYS A 276 -16.71 -3.41 14.56
CA LYS A 276 -17.95 -3.30 13.82
C LYS A 276 -18.73 -2.06 14.25
N ALA A 277 -18.69 -1.76 15.55
CA ALA A 277 -19.36 -0.58 16.09
C ALA A 277 -18.74 0.71 15.53
N ALA A 278 -17.42 0.69 15.33
CA ALA A 278 -16.68 1.83 14.79
C ALA A 278 -17.05 2.01 13.31
N ILE A 279 -17.32 0.90 12.63
CA ILE A 279 -17.71 0.93 11.21
C ILE A 279 -19.14 1.45 11.06
N ARG A 280 -20.03 0.97 11.91
CA ARG A 280 -21.43 1.37 11.90
C ARG A 280 -21.54 2.87 12.07
N VAL A 281 -20.59 3.45 12.78
CA VAL A 281 -20.60 4.88 13.05
C VAL A 281 -19.85 5.69 11.99
N ASN A 282 -19.30 5.00 10.99
CA ASN A 282 -18.57 5.63 9.90
C ASN A 282 -19.37 5.55 8.59
N TYR A 283 -19.36 4.40 7.93
CA TYR A 283 -20.08 4.22 6.67
C TYR A 283 -21.16 3.12 6.72
N SER A 284 -21.36 2.54 7.90
CA SER A 284 -22.34 1.47 8.14
C SER A 284 -21.94 0.09 7.58
N SER A 285 -21.88 -0.04 6.26
CA SER A 285 -21.46 -1.30 5.65
C SER A 285 -20.62 -0.94 4.43
N PRO A 286 -19.76 -1.85 3.96
CA PRO A 286 -18.91 -1.57 2.80
C PRO A 286 -19.53 -1.78 1.41
N PRO A 287 -18.93 -1.17 0.36
CA PRO A 287 -19.40 -1.29 -1.02
C PRO A 287 -19.16 -2.71 -1.57
N ALA A 288 -20.22 -3.35 -2.03
CA ALA A 288 -20.13 -4.72 -2.53
C ALA A 288 -19.44 -5.00 -3.84
N HIS A 289 -19.65 -4.17 -4.84
CA HIS A 289 -19.05 -4.44 -6.16
C HIS A 289 -17.60 -4.88 -6.23
N GLY A 290 -16.69 -4.02 -5.75
CA GLY A 290 -15.28 -4.36 -5.81
C GLY A 290 -14.89 -5.65 -5.09
N ALA A 291 -15.39 -5.83 -3.87
CA ALA A 291 -15.09 -7.02 -3.11
C ALA A 291 -15.74 -8.26 -3.72
N SER A 292 -16.89 -8.06 -4.35
CA SER A 292 -17.60 -9.15 -4.97
C SER A 292 -16.75 -9.63 -6.12
N VAL A 293 -16.16 -8.69 -6.86
CA VAL A 293 -15.30 -9.01 -7.98
C VAL A 293 -14.08 -9.82 -7.47
N VAL A 294 -13.49 -9.37 -6.36
CA VAL A 294 -12.33 -10.04 -5.77
C VAL A 294 -12.67 -11.44 -5.25
N ALA A 295 -13.87 -11.59 -4.67
CA ALA A 295 -14.31 -12.87 -4.16
C ALA A 295 -14.54 -13.83 -5.33
N THR A 296 -15.18 -13.33 -6.40
CA THR A 296 -15.47 -14.13 -7.58
C THR A 296 -14.20 -14.66 -8.25
N ILE A 297 -13.20 -13.80 -8.39
CA ILE A 297 -11.93 -14.19 -9.01
C ILE A 297 -11.19 -15.25 -8.20
N LEU A 298 -10.84 -14.90 -6.96
CA LEU A 298 -10.13 -15.79 -6.06
C LEU A 298 -10.83 -17.14 -5.82
N GLY A 299 -12.16 -17.10 -5.82
CA GLY A 299 -12.93 -18.31 -5.60
C GLY A 299 -13.03 -19.24 -6.80
N ASN A 300 -12.87 -18.72 -8.00
CA ASN A 300 -12.94 -19.53 -9.22
C ASN A 300 -11.54 -19.74 -9.81
N ASP A 301 -11.08 -20.99 -9.77
CA ASP A 301 -9.75 -21.36 -10.26
C ASP A 301 -9.33 -20.83 -11.63
N ALA A 302 -10.26 -20.74 -12.56
CA ALA A 302 -9.96 -20.25 -13.89
C ALA A 302 -9.66 -18.77 -13.84
N LEU A 303 -10.57 -18.01 -13.23
CA LEU A 303 -10.39 -16.56 -13.11
C LEU A 303 -9.15 -16.19 -12.31
N ARG A 304 -8.86 -16.99 -11.29
CA ARG A 304 -7.68 -16.80 -10.45
C ARG A 304 -6.40 -17.00 -11.27
N ALA A 305 -6.43 -17.96 -12.18
CA ALA A 305 -5.29 -18.28 -13.05
C ALA A 305 -4.97 -17.12 -13.98
N ILE A 306 -6.04 -16.56 -14.56
CA ILE A 306 -5.92 -15.42 -15.46
C ILE A 306 -5.43 -14.21 -14.65
N TRP A 307 -6.03 -13.97 -13.48
CA TRP A 307 -5.64 -12.84 -12.63
C TRP A 307 -4.16 -12.88 -12.23
N GLU A 308 -3.69 -14.03 -11.75
CA GLU A 308 -2.30 -14.17 -11.34
C GLU A 308 -1.34 -13.90 -12.49
N GLN A 309 -1.70 -14.32 -13.70
CA GLN A 309 -0.83 -14.07 -14.84
C GLN A 309 -0.85 -12.57 -15.15
N GLU A 310 -1.97 -11.91 -14.90
CA GLU A 310 -2.04 -10.47 -15.15
C GLU A 310 -1.15 -9.74 -14.15
N LEU A 311 -1.15 -10.19 -12.90
CA LEU A 311 -0.32 -9.59 -11.86
C LEU A 311 1.16 -9.80 -12.22
N THR A 312 1.49 -10.99 -12.67
CA THR A 312 2.85 -11.32 -13.06
C THR A 312 3.28 -10.44 -14.22
N ASP A 313 2.36 -10.19 -15.15
CA ASP A 313 2.64 -9.35 -16.29
C ASP A 313 2.98 -7.93 -15.84
N MET A 314 2.13 -7.36 -14.98
CA MET A 314 2.34 -6.01 -14.47
C MET A 314 3.69 -5.87 -13.81
N ARG A 315 3.97 -6.75 -12.85
CA ARG A 315 5.25 -6.72 -12.15
C ARG A 315 6.37 -6.78 -13.19
N GLN A 316 6.29 -7.72 -14.12
CA GLN A 316 7.31 -7.87 -15.15
C GLN A 316 7.51 -6.61 -16.00
N ARG A 317 6.44 -5.86 -16.23
CA ARG A 317 6.58 -4.65 -17.04
C ARG A 317 7.29 -3.56 -16.26
N ILE A 318 7.08 -3.52 -14.96
CA ILE A 318 7.74 -2.51 -14.13
C ILE A 318 9.23 -2.83 -13.99
N GLN A 319 9.57 -4.10 -13.79
CA GLN A 319 10.97 -4.53 -13.62
C GLN A 319 11.79 -4.24 -14.86
N ARG A 320 11.19 -4.48 -16.03
CA ARG A 320 11.84 -4.22 -17.30
C ARG A 320 11.94 -2.71 -17.49
N MET A 321 10.90 -1.98 -17.12
CA MET A 321 10.91 -0.53 -17.25
C MET A 321 11.99 0.18 -16.44
N ARG A 322 12.23 -0.24 -15.20
CA ARG A 322 13.25 0.42 -14.41
C ARG A 322 14.66 0.13 -14.92
N GLN A 323 14.83 -1.05 -15.52
CA GLN A 323 16.13 -1.44 -16.10
C GLN A 323 16.37 -0.60 -17.36
N LEU A 324 15.33 -0.47 -18.17
CA LEU A 324 15.38 0.31 -19.40
C LEU A 324 15.59 1.79 -19.08
N PHE A 325 15.07 2.21 -17.94
CA PHE A 325 15.17 3.58 -17.44
C PHE A 325 16.61 3.92 -17.09
N VAL A 326 17.25 3.05 -16.34
CA VAL A 326 18.64 3.25 -15.94
C VAL A 326 19.54 3.19 -17.18
N ASN A 327 19.26 2.24 -18.08
CA ASN A 327 20.03 2.08 -19.31
C ASN A 327 19.92 3.31 -20.21
N THR A 328 18.71 3.82 -20.40
CA THR A 328 18.52 5.01 -21.22
C THR A 328 19.17 6.23 -20.58
N LEU A 329 19.15 6.30 -19.25
CA LEU A 329 19.77 7.42 -18.54
C LEU A 329 21.25 7.52 -18.85
N GLN A 330 21.94 6.38 -18.87
CA GLN A 330 23.38 6.40 -19.17
C GLN A 330 23.61 6.82 -20.60
N GLU A 331 22.73 6.41 -21.52
CA GLU A 331 22.88 6.79 -22.93
C GLU A 331 22.68 8.28 -23.15
N LYS A 332 21.88 8.90 -22.29
CA LYS A 332 21.64 10.33 -22.40
C LYS A 332 22.77 11.08 -21.70
N GLY A 333 23.70 10.33 -21.11
CA GLY A 333 24.82 10.93 -20.43
C GLY A 333 24.43 11.49 -19.08
N ALA A 334 23.56 10.80 -18.37
CA ALA A 334 23.11 11.26 -17.06
C ALA A 334 24.31 11.41 -16.13
N ASN A 335 24.28 12.48 -15.34
CA ASN A 335 25.36 12.78 -14.40
C ASN A 335 25.57 11.69 -13.36
N ARG A 336 24.53 11.39 -12.59
CA ARG A 336 24.60 10.37 -11.54
C ARG A 336 24.27 8.93 -11.96
N ASP A 337 24.79 7.99 -11.18
CA ASP A 337 24.58 6.56 -11.39
C ASP A 337 23.32 6.16 -10.63
N PHE A 338 22.26 5.82 -11.35
CA PHE A 338 20.99 5.45 -10.71
C PHE A 338 20.70 3.95 -10.64
N SER A 339 21.74 3.12 -10.74
CA SER A 339 21.55 1.67 -10.73
C SER A 339 20.83 1.12 -9.50
N PHE A 340 20.85 1.87 -8.39
CA PHE A 340 20.17 1.42 -7.19
C PHE A 340 18.66 1.26 -7.41
N THR A 341 18.14 1.91 -8.46
CA THR A 341 16.73 1.83 -8.82
C THR A 341 16.28 0.39 -8.99
N ILE A 342 17.19 -0.42 -9.54
CA ILE A 342 16.92 -1.84 -9.79
C ILE A 342 16.74 -2.68 -8.52
N LYS A 343 17.23 -2.17 -7.39
CA LYS A 343 17.13 -2.86 -6.10
C LYS A 343 15.82 -2.56 -5.39
N GLN A 344 15.09 -1.57 -5.89
CA GLN A 344 13.84 -1.18 -5.28
C GLN A 344 12.68 -2.03 -5.77
N ASN A 345 11.76 -2.34 -4.86
CA ASN A 345 10.59 -3.16 -5.17
C ASN A 345 9.37 -2.29 -5.32
N GLY A 346 8.50 -2.66 -6.24
CA GLY A 346 7.28 -1.90 -6.43
C GLY A 346 7.21 -1.06 -7.69
N MET A 347 6.38 -0.02 -7.61
CA MET A 347 6.16 0.88 -8.74
C MET A 347 7.00 2.15 -8.73
N PHE A 348 7.72 2.39 -7.64
CA PHE A 348 8.45 3.65 -7.51
C PHE A 348 9.96 3.73 -7.63
N PHE A 349 10.41 4.93 -7.97
CA PHE A 349 11.83 5.27 -8.07
C PHE A 349 11.97 6.34 -6.99
N PHE A 350 12.90 6.16 -6.06
CA PHE A 350 13.08 7.12 -4.98
C PHE A 350 14.56 7.33 -4.60
N GLY A 351 14.89 8.55 -4.19
CA GLY A 351 16.26 8.89 -3.78
C GLY A 351 17.19 9.56 -4.78
N GLY A 352 16.70 9.86 -5.97
CA GLY A 352 17.55 10.48 -6.97
C GLY A 352 17.38 11.97 -7.14
N LEU A 353 16.16 12.47 -6.97
CA LEU A 353 15.90 13.89 -7.16
C LEU A 353 15.60 14.65 -5.88
N THR A 354 15.80 15.96 -5.94
CA THR A 354 15.51 16.84 -4.83
C THR A 354 14.21 17.56 -5.16
N LYS A 355 13.61 18.18 -4.14
CA LYS A 355 12.37 18.92 -4.28
C LYS A 355 12.42 19.96 -5.42
N GLU A 356 13.52 20.68 -5.52
CA GLU A 356 13.68 21.71 -6.54
C GLU A 356 13.79 21.09 -7.93
N GLN A 357 14.41 19.91 -8.00
CA GLN A 357 14.56 19.19 -9.26
C GLN A 357 13.22 18.72 -9.79
N VAL A 358 12.33 18.28 -8.91
CA VAL A 358 11.01 17.83 -9.34
C VAL A 358 10.15 19.03 -9.72
N LEU A 359 10.35 20.15 -9.04
CA LEU A 359 9.63 21.38 -9.34
C LEU A 359 10.00 21.83 -10.76
N ARG A 360 11.28 21.81 -11.08
CA ARG A 360 11.75 22.21 -12.40
C ARG A 360 11.25 21.24 -13.47
N LEU A 361 11.11 19.98 -13.09
CA LEU A 361 10.63 18.96 -14.03
C LEU A 361 9.22 19.24 -14.50
N ARG A 362 8.33 19.65 -13.60
CA ARG A 362 6.96 19.93 -14.02
C ARG A 362 6.90 21.32 -14.65
N GLU A 363 7.60 22.27 -14.06
CA GLU A 363 7.65 23.66 -14.52
C GLU A 363 8.11 23.78 -15.98
N GLU A 364 9.30 23.27 -16.24
CA GLU A 364 9.93 23.36 -17.55
C GLU A 364 9.67 22.20 -18.51
N PHE A 365 9.41 21.01 -17.99
CA PHE A 365 9.20 19.86 -18.87
C PHE A 365 7.83 19.19 -18.84
N GLY A 366 6.98 19.53 -17.88
CA GLY A 366 5.68 18.89 -17.83
C GLY A 366 5.73 17.47 -17.29
N VAL A 367 6.84 17.12 -16.64
CA VAL A 367 6.98 15.81 -16.03
C VAL A 367 6.52 15.98 -14.58
N TYR A 368 5.51 15.20 -14.19
CA TYR A 368 4.94 15.28 -12.86
C TYR A 368 5.32 14.10 -11.97
N ALA A 369 5.90 14.40 -10.81
CA ALA A 369 6.33 13.40 -9.84
C ALA A 369 5.99 13.96 -8.46
N VAL A 370 6.18 13.16 -7.41
CA VAL A 370 5.89 13.65 -6.05
C VAL A 370 7.06 14.49 -5.55
N ALA A 371 6.74 15.58 -4.85
CA ALA A 371 7.74 16.51 -4.33
C ALA A 371 8.90 15.89 -3.55
N SER A 372 8.70 14.69 -3.03
CA SER A 372 9.76 14.02 -2.29
C SER A 372 10.81 13.40 -3.21
N GLY A 373 10.58 13.47 -4.53
CA GLY A 373 11.50 12.90 -5.49
C GLY A 373 11.15 11.45 -5.80
N ARG A 374 9.87 11.12 -5.71
CA ARG A 374 9.41 9.77 -5.97
C ARG A 374 8.69 9.75 -7.30
N LEU A 375 9.14 8.86 -8.20
CA LEU A 375 8.53 8.74 -9.52
C LEU A 375 7.89 7.38 -9.71
N ASN A 376 6.71 7.37 -10.31
CA ASN A 376 5.99 6.14 -10.58
C ASN A 376 6.58 5.50 -11.82
N VAL A 377 7.42 4.48 -11.61
CA VAL A 377 8.04 3.75 -12.70
C VAL A 377 7.00 3.05 -13.55
N ALA A 378 5.88 2.65 -12.93
CA ALA A 378 4.81 1.97 -13.65
C ALA A 378 4.13 2.90 -14.64
N GLY A 379 4.49 4.18 -14.62
CA GLY A 379 3.92 5.15 -15.54
C GLY A 379 4.81 5.39 -16.74
N MET A 380 5.97 4.73 -16.77
CA MET A 380 6.93 4.87 -17.86
C MET A 380 6.61 3.89 -18.97
N THR A 381 6.58 4.36 -20.20
CA THR A 381 6.30 3.53 -21.37
C THR A 381 7.45 3.72 -22.35
N PRO A 382 7.67 2.78 -23.28
CA PRO A 382 8.75 2.89 -24.25
C PRO A 382 8.71 4.21 -25.02
N ASP A 383 7.50 4.71 -25.20
CA ASP A 383 7.29 5.96 -25.92
C ASP A 383 7.79 7.18 -25.15
N ASN A 384 7.47 7.27 -23.86
CA ASN A 384 7.87 8.43 -23.07
C ASN A 384 9.23 8.33 -22.39
N LEU A 385 9.82 7.14 -22.36
CA LEU A 385 11.09 6.94 -21.70
C LEU A 385 12.18 7.92 -22.13
N ALA A 386 12.31 8.12 -23.44
CA ALA A 386 13.32 9.02 -23.98
C ALA A 386 13.17 10.48 -23.58
N PRO A 387 12.04 11.14 -23.93
CA PRO A 387 11.90 12.54 -23.54
C PRO A 387 11.91 12.76 -22.01
N LEU A 388 11.57 11.72 -21.27
CA LEU A 388 11.56 11.77 -19.81
C LEU A 388 12.99 11.83 -19.30
N CYS A 389 13.83 10.92 -19.81
CA CYS A 389 15.23 10.86 -19.41
C CYS A 389 15.97 12.12 -19.77
N GLU A 390 15.58 12.72 -20.90
CA GLU A 390 16.19 13.95 -21.37
C GLU A 390 15.88 15.06 -20.36
N ALA A 391 14.65 15.06 -19.88
CA ALA A 391 14.20 16.03 -18.90
C ALA A 391 15.04 15.90 -17.62
N ILE A 392 15.23 14.66 -17.18
CA ILE A 392 16.00 14.39 -15.96
C ILE A 392 17.47 14.81 -16.09
N VAL A 393 18.10 14.43 -17.19
CA VAL A 393 19.50 14.78 -17.43
C VAL A 393 19.70 16.31 -17.40
N ALA A 394 18.75 17.05 -17.98
CA ALA A 394 18.83 18.50 -18.04
C ALA A 394 18.61 19.15 -16.69
N VAL A 395 18.24 18.35 -15.70
CA VAL A 395 17.97 18.84 -14.36
C VAL A 395 19.02 18.39 -13.36
N LEU A 396 19.82 17.40 -13.75
CA LEU A 396 20.88 16.87 -12.89
C LEU A 396 22.10 17.78 -12.84
#